data_1FHK
#
_entry.id   1FHK
#
_cell.length_a   1.000
_cell.length_b   1.000
_cell.length_c   1.000
_cell.angle_alpha   90.00
_cell.angle_beta   90.00
_cell.angle_gamma   90.00
#
_symmetry.space_group_name_H-M   'P 1'
#
_entity_poly.entity_id   1
_entity_poly.type   'polyribonucleotide'
_entity_poly.pdbx_seq_one_letter_code
;GGCGGUGAAAUGCC
;
_entity_poly.pdbx_strand_id   A
#